data_3NHP
#
_entry.id   3NHP
#
_cell.length_a   56.426
_cell.length_b   83.479
_cell.length_c   106.461
_cell.angle_alpha   90.000
_cell.angle_beta   90.000
_cell.angle_gamma   90.000
#
_symmetry.space_group_name_H-M   'P 21 21 21'
#
loop_
_entity.id
_entity.type
_entity.pdbx_description
1 polymer 'Ribosyldihydronicotinamide dehydrogenase [quinone]'
2 non-polymer 'ZINC ION'
3 non-polymer 'FLAVIN-ADENINE DINUCLEOTIDE'
4 non-polymer 6,7,8-trimethoxy-4-methylquinolin-2(1H)-one
5 water water
#
_entity_poly.entity_id   1
_entity_poly.type   'polypeptide(L)'
_entity_poly.pdbx_seq_one_letter_code
;AGKKVLIVYAHQEPKSFNGSLKNVAVDELSRQGCTVTVSDLYAMNFEPRATDKDITGTLSNPEVFNYGVETHEAYKQRSL
ASDITDEQKKVREADLVIFQFPLYWFSVPAILKGWMDRVLCQGFAFDIPGFYDSGLLQGKLALLSVTTGGTAEMYTKTGV
NGDSRYFLWPLQHGTLHFCGFKVLAPQISFAPEIASEEERKGMVAAWSQRLQTIWKEEPIPCTAHWHFGQ
;
_entity_poly.pdbx_strand_id   A,B
#
loop_
_chem_comp.id
_chem_comp.type
_chem_comp.name
_chem_comp.formula
FAD non-polymer 'FLAVIN-ADENINE DINUCLEOTIDE' 'C27 H33 N9 O15 P2'
HGZ non-polymer 6,7,8-trimethoxy-4-methylquinolin-2(1H)-one 'C13 H15 N O4'
ZN non-polymer 'ZINC ION' 'Zn 2'
#
# COMPACT_ATOMS: atom_id res chain seq x y z
N ALA A 1 -2.43 32.09 -0.23
CA ALA A 1 -1.83 33.08 -1.18
C ALA A 1 -0.47 33.63 -0.71
N GLY A 2 0.54 33.68 -1.59
CA GLY A 2 0.47 33.05 -2.94
C GLY A 2 0.89 31.58 -2.80
N LYS A 3 -0.07 30.67 -2.58
CA LYS A 3 0.30 29.26 -2.36
C LYS A 3 -0.40 28.34 -3.36
N LYS A 4 0.28 27.25 -3.72
CA LYS A 4 -0.40 26.28 -4.63
C LYS A 4 -0.66 24.98 -3.89
N VAL A 5 -1.83 24.39 -4.13
CA VAL A 5 -2.17 23.13 -3.42
C VAL A 5 -2.54 22.13 -4.50
N LEU A 6 -2.01 20.90 -4.35
CA LEU A 6 -2.48 19.75 -5.16
C LEU A 6 -3.24 18.82 -4.16
N ILE A 7 -4.46 18.44 -4.55
CA ILE A 7 -5.22 17.45 -3.77
C ILE A 7 -5.19 16.15 -4.61
N VAL A 8 -4.62 15.05 -4.06
CA VAL A 8 -4.63 13.77 -4.80
C VAL A 8 -5.71 12.99 -4.12
N TYR A 9 -6.78 12.75 -4.89
CA TYR A 9 -8.01 12.25 -4.33
C TYR A 9 -8.34 10.85 -4.92
N ALA A 10 -8.65 9.93 -4.01
CA ALA A 10 -8.88 8.52 -4.35
C ALA A 10 -10.21 7.97 -3.77
N HIS A 11 -11.32 8.38 -4.39
CA HIS A 11 -12.59 7.79 -4.06
C HIS A 11 -13.49 7.75 -5.28
N GLN A 12 -14.21 6.64 -5.42
CA GLN A 12 -14.97 6.31 -6.61
C GLN A 12 -16.24 7.14 -6.71
N GLU A 13 -16.73 7.62 -5.58
CA GLU A 13 -18.09 8.18 -5.57
C GLU A 13 -18.03 9.70 -5.22
N PRO A 14 -18.38 10.58 -6.19
CA PRO A 14 -18.42 12.04 -5.83
C PRO A 14 -19.32 12.34 -4.59
N LYS A 15 -20.39 11.57 -4.38
CA LYS A 15 -21.28 11.84 -3.21
C LYS A 15 -20.84 11.30 -1.83
N SER A 16 -19.61 10.76 -1.78
CA SER A 16 -19.09 10.16 -0.57
C SER A 16 -18.63 11.16 0.44
N PHE A 17 -18.46 10.70 1.68
CA PHE A 17 -17.80 11.54 2.70
C PHE A 17 -16.42 11.97 2.23
N ASN A 18 -15.69 11.05 1.62
CA ASN A 18 -14.42 11.51 1.01
C ASN A 18 -14.57 12.63 -0.01
N GLY A 19 -15.58 12.52 -0.89
CA GLY A 19 -15.84 13.53 -1.91
C GLY A 19 -16.18 14.86 -1.19
N SER A 20 -17.00 14.78 -0.15
CA SER A 20 -17.32 16.00 0.62
C SER A 20 -16.09 16.63 1.17
N LEU A 21 -15.20 15.85 1.80
CA LEU A 21 -13.99 16.39 2.32
C LEU A 21 -13.15 17.05 1.21
N LYS A 22 -13.03 16.40 0.05
CA LYS A 22 -12.25 17.01 -1.03
C LYS A 22 -12.85 18.32 -1.49
N ASN A 23 -14.16 18.33 -1.60
CA ASN A 23 -14.91 19.52 -2.13
C ASN A 23 -14.82 20.67 -1.14
N VAL A 24 -14.93 20.42 0.16
CA VAL A 24 -14.70 21.54 1.10
C VAL A 24 -13.26 22.07 1.10
N ALA A 25 -12.27 21.18 0.91
CA ALA A 25 -10.89 21.63 0.74
C ALA A 25 -10.76 22.52 -0.51
N VAL A 26 -11.38 22.14 -1.64
CA VAL A 26 -11.27 22.98 -2.83
C VAL A 26 -11.92 24.34 -2.49
N ASP A 27 -13.12 24.26 -1.90
CA ASP A 27 -14.00 25.47 -1.65
C ASP A 27 -13.21 26.44 -0.73
N GLU A 28 -12.73 25.95 0.41
CA GLU A 28 -12.02 26.79 1.37
C GLU A 28 -10.66 27.30 0.89
N LEU A 29 -9.84 26.46 0.27
CA LEU A 29 -8.52 26.89 -0.28
C LEU A 29 -8.77 27.86 -1.43
N SER A 30 -9.84 27.64 -2.21
CA SER A 30 -10.14 28.55 -3.35
C SER A 30 -10.55 29.93 -2.78
N ARG A 31 -11.30 29.91 -1.70
CA ARG A 31 -11.78 31.13 -1.03
C ARG A 31 -10.67 32.00 -0.54
N GLN A 32 -9.58 31.36 -0.05
CA GLN A 32 -8.41 32.01 0.51
C GLN A 32 -7.51 32.62 -0.59
N GLY A 33 -7.85 32.31 -1.85
CA GLY A 33 -7.10 32.71 -3.00
C GLY A 33 -5.94 31.83 -3.40
N CYS A 34 -5.83 30.63 -2.81
CA CYS A 34 -4.84 29.68 -3.23
C CYS A 34 -5.12 29.14 -4.63
N THR A 35 -4.03 28.71 -5.26
CA THR A 35 -4.08 28.00 -6.54
C THR A 35 -4.37 26.52 -6.20
N VAL A 36 -5.38 25.92 -6.79
CA VAL A 36 -5.81 24.60 -6.40
C VAL A 36 -5.94 23.69 -7.62
N THR A 37 -5.48 22.48 -7.51
CA THR A 37 -5.56 21.48 -8.55
C THR A 37 -5.91 20.15 -7.91
N VAL A 38 -6.80 19.36 -8.55
CA VAL A 38 -7.23 18.05 -7.97
C VAL A 38 -6.85 16.98 -8.99
N SER A 39 -6.19 15.92 -8.54
CA SER A 39 -5.95 14.72 -9.37
C SER A 39 -6.98 13.73 -8.81
N ASP A 40 -8.08 13.56 -9.56
CA ASP A 40 -9.18 12.69 -9.15
C ASP A 40 -8.82 11.34 -9.80
N LEU A 41 -8.09 10.51 -9.07
CA LEU A 41 -7.46 9.31 -9.70
C LEU A 41 -8.45 8.31 -10.30
N TYR A 42 -9.59 8.07 -9.67
CA TYR A 42 -10.55 7.10 -10.28
C TYR A 42 -11.15 7.74 -11.55
N ALA A 43 -11.43 9.05 -11.55
CA ALA A 43 -11.98 9.62 -12.79
C ALA A 43 -11.01 9.67 -13.94
N MET A 44 -9.71 9.74 -13.61
CA MET A 44 -8.61 9.75 -14.55
C MET A 44 -8.28 8.31 -15.03
N ASN A 45 -8.96 7.32 -14.43
CA ASN A 45 -8.61 5.88 -14.67
C ASN A 45 -7.07 5.70 -14.46
N PHE A 46 -6.55 6.31 -13.40
CA PHE A 46 -5.09 6.44 -13.24
C PHE A 46 -4.45 5.04 -13.22
N GLU A 47 -3.41 4.86 -14.02
CA GLU A 47 -2.72 3.55 -14.09
C GLU A 47 -1.96 3.28 -12.75
N PRO A 48 -2.26 2.19 -12.04
CA PRO A 48 -1.45 1.97 -10.80
C PRO A 48 -0.26 1.02 -10.99
N ARG A 49 -0.21 0.27 -12.10
CA ARG A 49 0.88 -0.73 -12.23
C ARG A 49 2.19 -0.10 -12.67
N ALA A 50 3.27 -0.46 -12.00
CA ALA A 50 4.61 -0.06 -12.38
C ALA A 50 5.13 -0.97 -13.52
N THR A 51 5.11 -0.50 -14.77
CA THR A 51 5.47 -1.45 -15.86
C THR A 51 6.34 -0.73 -16.87
N ASP A 52 6.87 -1.50 -17.84
CA ASP A 52 7.78 -0.90 -18.81
C ASP A 52 7.12 0.07 -19.76
N LYS A 53 5.79 0.11 -19.79
CA LYS A 53 5.06 1.20 -20.46
C LYS A 53 5.31 2.58 -19.85
N ASP A 54 5.96 2.64 -18.69
CA ASP A 54 6.15 3.93 -17.99
C ASP A 54 7.30 4.69 -18.57
N ILE A 55 8.03 4.02 -19.47
CA ILE A 55 9.18 4.59 -20.20
C ILE A 55 8.86 4.54 -21.69
N THR A 56 9.05 5.68 -22.34
CA THR A 56 8.77 5.79 -23.78
C THR A 56 10.11 5.77 -24.49
N GLY A 57 10.08 5.48 -25.78
CA GLY A 57 11.33 5.44 -26.56
C GLY A 57 11.87 4.05 -26.35
N THR A 58 13.16 3.95 -26.03
CA THR A 58 13.81 2.65 -25.84
C THR A 58 14.58 2.63 -24.51
N LEU A 59 14.91 1.43 -24.02
CA LEU A 59 15.26 1.26 -22.61
C LEU A 59 16.77 1.33 -22.32
N SER A 60 17.11 1.58 -21.06
CA SER A 60 18.50 1.58 -20.67
C SER A 60 19.06 0.15 -20.74
N ASN A 61 18.36 -0.83 -20.12
CA ASN A 61 18.70 -2.26 -20.25
C ASN A 61 17.51 -3.15 -20.68
N PRO A 62 17.29 -3.31 -22.00
CA PRO A 62 16.14 -4.09 -22.51
C PRO A 62 16.24 -5.62 -22.34
N GLU A 63 17.32 -6.11 -21.74
CA GLU A 63 17.46 -7.56 -21.47
C GLU A 63 16.89 -7.96 -20.10
N VAL A 64 17.28 -7.22 -19.06
CA VAL A 64 16.76 -7.38 -17.70
C VAL A 64 16.07 -6.03 -17.36
N PHE A 65 14.73 -6.08 -17.22
CA PHE A 65 13.95 -4.91 -16.80
C PHE A 65 14.08 -4.63 -15.27
N ASN A 66 14.58 -3.44 -14.92
CA ASN A 66 14.64 -2.97 -13.51
C ASN A 66 13.82 -1.67 -13.46
N TYR A 67 12.62 -1.72 -12.88
CA TYR A 67 11.76 -0.55 -12.90
C TYR A 67 12.42 0.71 -12.34
N GLY A 68 13.10 0.58 -11.21
CA GLY A 68 13.75 1.71 -10.53
C GLY A 68 14.85 2.36 -11.40
N VAL A 69 15.71 1.52 -11.97
CA VAL A 69 16.80 2.06 -12.80
C VAL A 69 16.26 2.75 -14.05
N GLU A 70 15.28 2.11 -14.66
CA GLU A 70 14.73 2.58 -15.90
C GLU A 70 13.96 3.88 -15.70
N THR A 71 13.26 3.99 -14.57
CA THR A 71 12.48 5.18 -14.39
C THR A 71 13.43 6.29 -13.90
N HIS A 72 14.48 5.94 -13.18
CA HIS A 72 15.48 6.97 -12.87
C HIS A 72 16.11 7.53 -14.17
N GLU A 73 16.58 6.65 -15.06
CA GLU A 73 17.15 7.06 -16.34
C GLU A 73 16.12 7.84 -17.15
N ALA A 74 14.86 7.38 -17.18
CA ALA A 74 13.86 8.07 -18.02
C ALA A 74 13.57 9.48 -17.49
N TYR A 75 13.48 9.64 -16.17
CA TYR A 75 13.25 10.95 -15.59
C TYR A 75 14.31 11.94 -16.12
N LYS A 76 15.56 11.50 -16.09
CA LYS A 76 16.71 12.36 -16.43
C LYS A 76 16.75 12.66 -17.90
N GLN A 77 16.26 11.71 -18.70
CA GLN A 77 16.25 11.80 -20.18
C GLN A 77 14.91 12.25 -20.73
N ARG A 78 14.06 12.77 -19.84
CA ARG A 78 12.66 13.24 -20.09
C ARG A 78 11.83 12.30 -20.96
N SER A 79 11.98 10.99 -20.74
CA SER A 79 11.21 9.96 -21.46
C SER A 79 10.29 9.10 -20.57
N LEU A 80 9.75 9.71 -19.51
CA LEU A 80 8.69 9.04 -18.75
C LEU A 80 7.33 9.24 -19.43
N ALA A 81 6.43 8.27 -19.30
CA ALA A 81 5.07 8.40 -19.81
C ALA A 81 4.37 9.67 -19.34
N SER A 82 3.48 10.19 -20.18
CA SER A 82 2.96 11.54 -19.94
C SER A 82 2.04 11.59 -18.69
N ASP A 83 1.41 10.46 -18.35
CA ASP A 83 0.59 10.52 -17.13
C ASP A 83 1.45 10.76 -15.90
N ILE A 84 2.62 10.19 -15.85
CA ILE A 84 3.56 10.42 -14.77
C ILE A 84 4.05 11.86 -14.79
N THR A 85 4.49 12.31 -15.95
CA THR A 85 5.05 13.65 -16.08
C THR A 85 4.02 14.74 -15.74
N ASP A 86 2.76 14.52 -16.12
CA ASP A 86 1.71 15.40 -15.75
C ASP A 86 1.60 15.48 -14.24
N GLU A 87 1.69 14.33 -13.54
CA GLU A 87 1.52 14.43 -12.06
C GLU A 87 2.72 15.10 -11.41
N GLN A 88 3.90 14.85 -11.96
CA GLN A 88 5.14 15.42 -11.40
C GLN A 88 5.12 16.96 -11.59
N LYS A 89 4.58 17.44 -12.69
CA LYS A 89 4.48 18.89 -12.84
C LYS A 89 3.54 19.47 -11.76
N LYS A 90 2.42 18.76 -11.43
CA LYS A 90 1.55 19.25 -10.36
C LYS A 90 2.25 19.31 -9.03
N VAL A 91 3.02 18.24 -8.73
CA VAL A 91 3.69 18.15 -7.49
C VAL A 91 4.82 19.23 -7.40
N ARG A 92 5.58 19.35 -8.47
CA ARG A 92 6.71 20.31 -8.51
C ARG A 92 6.19 21.72 -8.17
N GLU A 93 5.04 22.08 -8.74
CA GLU A 93 4.44 23.43 -8.52
C GLU A 93 3.77 23.63 -7.18
N ALA A 94 3.37 22.52 -6.57
CA ALA A 94 2.59 22.57 -5.35
C ALA A 94 3.44 22.95 -4.13
N ASP A 95 2.84 23.69 -3.21
CA ASP A 95 3.49 24.05 -1.92
C ASP A 95 2.98 23.07 -0.87
N LEU A 96 1.77 22.55 -1.10
CA LEU A 96 1.11 21.58 -0.20
C LEU A 96 0.44 20.52 -1.09
N VAL A 97 0.62 19.25 -0.70
CA VAL A 97 -0.07 18.15 -1.34
C VAL A 97 -0.92 17.48 -0.24
N ILE A 98 -2.21 17.49 -0.48
CA ILE A 98 -3.17 16.90 0.39
C ILE A 98 -3.57 15.56 -0.28
N PHE A 99 -3.48 14.48 0.49
CA PHE A 99 -3.97 13.12 0.02
C PHE A 99 -5.26 12.84 0.68
N GLN A 100 -6.31 12.67 -0.13
CA GLN A 100 -7.66 12.42 0.43
C GLN A 100 -8.14 11.03 0.04
N PHE A 101 -8.26 10.13 1.02
CA PHE A 101 -8.58 8.78 0.70
C PHE A 101 -9.24 8.03 1.90
N PRO A 102 -10.01 6.95 1.56
CA PRO A 102 -10.36 6.01 2.62
C PRO A 102 -9.27 5.00 2.89
N LEU A 103 -9.06 4.67 4.17
CA LEU A 103 -8.03 3.66 4.50
C LEU A 103 -8.47 2.30 3.95
N TYR A 104 -7.61 1.70 3.13
CA TYR A 104 -7.82 0.28 2.63
C TYR A 104 -6.71 -0.54 3.21
N TRP A 105 -7.05 -1.56 4.03
CA TRP A 105 -6.01 -2.41 4.59
C TRP A 105 -4.88 -1.62 5.28
N PHE A 106 -5.24 -0.69 6.19
CA PHE A 106 -4.24 0.07 6.97
C PHE A 106 -3.33 0.90 6.06
N SER A 107 -3.78 1.18 4.80
CA SER A 107 -2.98 1.88 3.87
C SER A 107 -3.85 2.69 2.87
N VAL A 108 -3.22 3.14 1.80
CA VAL A 108 -3.91 3.82 0.68
C VAL A 108 -4.57 2.81 -0.24
N PRO A 109 -5.68 3.18 -0.86
CA PRO A 109 -6.24 2.28 -1.95
C PRO A 109 -5.13 2.04 -3.01
N ALA A 110 -5.16 0.91 -3.72
CA ALA A 110 -4.16 0.62 -4.66
C ALA A 110 -3.96 1.68 -5.76
N ILE A 111 -5.06 2.28 -6.21
CA ILE A 111 -4.95 3.36 -7.21
C ILE A 111 -3.98 4.51 -6.76
N LEU A 112 -4.10 4.83 -5.46
CA LEU A 112 -3.21 5.86 -4.82
C LEU A 112 -1.79 5.29 -4.58
N LYS A 113 -1.70 4.02 -4.15
CA LYS A 113 -0.38 3.36 -4.03
C LYS A 113 0.37 3.46 -5.35
N GLY A 114 -0.34 3.27 -6.46
CA GLY A 114 0.23 3.33 -7.78
C GLY A 114 0.69 4.75 -8.11
N TRP A 115 -0.11 5.75 -7.75
CA TRP A 115 0.42 7.17 -7.91
C TRP A 115 1.72 7.36 -7.11
N MET A 116 1.82 6.88 -5.87
CA MET A 116 3.06 7.06 -5.10
C MET A 116 4.17 6.28 -5.81
N ASP A 117 3.90 5.03 -6.24
CA ASP A 117 4.97 4.21 -6.78
C ASP A 117 5.54 4.80 -8.11
N ARG A 118 4.65 5.35 -8.95
CA ARG A 118 4.97 5.74 -10.33
C ARG A 118 5.39 7.23 -10.44
N VAL A 119 4.78 8.07 -9.62
CA VAL A 119 5.07 9.51 -9.72
C VAL A 119 6.29 9.90 -8.88
N LEU A 120 6.45 9.30 -7.70
CA LEU A 120 7.55 9.64 -6.80
C LEU A 120 8.81 8.84 -7.17
N CYS A 121 9.32 9.07 -8.39
CA CYS A 121 10.47 8.30 -8.91
C CYS A 121 11.81 8.90 -8.49
N GLN A 122 12.87 8.09 -8.61
CA GLN A 122 14.23 8.54 -8.32
C GLN A 122 14.61 9.66 -9.32
N GLY A 123 15.19 10.73 -8.76
CA GLY A 123 15.63 11.89 -9.54
C GLY A 123 14.61 12.98 -9.41
N PHE A 124 13.37 12.57 -9.11
CA PHE A 124 12.27 13.53 -8.91
C PHE A 124 12.01 13.80 -7.45
N ALA A 125 11.70 12.72 -6.72
CA ALA A 125 11.32 12.84 -5.35
C ALA A 125 12.46 12.49 -4.44
N PHE A 126 13.38 11.67 -4.92
CA PHE A 126 14.50 11.30 -4.07
C PHE A 126 15.68 10.87 -4.92
N ASP A 127 16.86 10.84 -4.30
CA ASP A 127 18.06 10.35 -4.94
C ASP A 127 19.04 9.92 -3.86
N ILE A 128 20.25 9.56 -4.31
CA ILE A 128 21.38 9.47 -3.40
C ILE A 128 22.39 10.58 -3.82
N PRO A 129 22.50 11.64 -2.96
CA PRO A 129 21.81 11.70 -1.68
C PRO A 129 20.49 12.48 -1.87
N GLY A 130 19.75 12.66 -0.80
CA GLY A 130 18.59 13.50 -0.94
C GLY A 130 17.40 12.65 -0.58
N PHE A 131 17.27 12.44 0.73
CA PHE A 131 16.19 11.67 1.27
C PHE A 131 16.09 11.98 2.76
N TYR A 132 14.95 11.61 3.30
CA TYR A 132 14.51 12.06 4.60
C TYR A 132 14.50 13.62 4.66
N ASP A 133 15.25 14.22 5.58
CA ASP A 133 15.40 15.68 5.63
C ASP A 133 15.88 16.38 4.37
N SER A 134 16.74 15.68 3.63
CA SER A 134 17.28 16.20 2.36
C SER A 134 16.59 15.64 1.09
N GLY A 135 15.41 14.99 1.23
CA GLY A 135 14.65 14.49 0.06
C GLY A 135 14.40 15.61 -0.96
N LEU A 136 14.27 15.29 -2.24
CA LEU A 136 14.16 16.31 -3.30
C LEU A 136 12.95 17.26 -3.27
N LEU A 137 11.91 16.90 -2.52
CA LEU A 137 10.71 17.73 -2.42
C LEU A 137 10.74 18.56 -1.13
N GLN A 138 11.95 18.78 -0.60
CA GLN A 138 12.06 19.47 0.68
C GLN A 138 11.50 20.85 0.41
N GLY A 139 10.87 21.42 1.43
CA GLY A 139 10.21 22.75 1.39
C GLY A 139 8.69 22.55 1.26
N LYS A 140 8.28 21.47 0.58
CA LYS A 140 6.83 21.23 0.38
C LYS A 140 6.21 20.61 1.59
N LEU A 141 4.92 20.84 1.76
CA LEU A 141 4.14 20.27 2.86
C LEU A 141 3.33 19.13 2.32
N ALA A 142 3.01 18.16 3.17
CA ALA A 142 2.14 17.05 2.75
C ALA A 142 1.22 16.73 3.87
N LEU A 143 0.05 16.25 3.57
CA LEU A 143 -0.94 16.01 4.62
C LEU A 143 -1.84 14.88 4.23
N LEU A 144 -1.93 13.86 5.08
CA LEU A 144 -2.85 12.74 4.83
C LEU A 144 -4.21 12.99 5.44
N SER A 145 -5.27 13.06 4.64
CA SER A 145 -6.64 13.18 5.16
C SER A 145 -7.32 11.86 4.86
N VAL A 146 -7.43 11.07 5.90
CA VAL A 146 -7.78 9.65 5.75
C VAL A 146 -9.16 9.46 6.40
N THR A 147 -10.04 8.62 5.87
CA THR A 147 -11.25 8.25 6.61
C THR A 147 -11.09 6.76 6.94
N THR A 148 -11.66 6.32 8.05
CA THR A 148 -11.53 4.91 8.40
C THR A 148 -12.88 4.28 8.57
N GLY A 149 -12.93 2.94 8.51
CA GLY A 149 -14.14 2.21 8.88
C GLY A 149 -14.13 1.93 10.39
N GLY A 150 -12.96 1.73 10.97
CA GLY A 150 -12.88 1.51 12.43
C GLY A 150 -12.91 2.82 13.24
N THR A 151 -13.16 2.66 14.57
CA THR A 151 -13.41 3.80 15.46
C THR A 151 -12.12 4.25 16.05
N ALA A 152 -12.08 5.45 16.63
CA ALA A 152 -10.82 5.89 17.24
C ALA A 152 -10.41 4.92 18.33
N GLU A 153 -11.39 4.31 18.98
CA GLU A 153 -11.07 3.47 20.15
C GLU A 153 -10.35 2.16 19.73
N MET A 154 -10.69 1.65 18.54
CA MET A 154 -9.99 0.46 17.95
C MET A 154 -8.57 0.79 17.59
N TYR A 155 -8.36 2.09 17.26
CA TYR A 155 -7.06 2.61 16.87
C TYR A 155 -6.31 3.26 18.05
N THR A 156 -6.27 2.55 19.17
CA THR A 156 -5.43 2.92 20.33
C THR A 156 -4.41 1.80 20.44
N LYS A 157 -3.29 2.04 21.16
CA LYS A 157 -2.15 1.10 21.21
C LYS A 157 -2.50 -0.31 21.71
N THR A 158 -3.44 -0.37 22.63
CA THR A 158 -3.87 -1.64 23.20
C THR A 158 -5.26 -2.04 22.68
N GLY A 159 -5.74 -1.31 21.66
CA GLY A 159 -7.00 -1.64 20.96
C GLY A 159 -6.76 -2.63 19.81
N VAL A 160 -7.84 -3.14 19.18
CA VAL A 160 -7.66 -4.26 18.19
C VAL A 160 -6.78 -3.93 17.01
N ASN A 161 -6.89 -2.69 16.54
CA ASN A 161 -6.05 -2.21 15.42
C ASN A 161 -4.66 -1.61 15.72
N GLY A 162 -4.34 -1.38 17.01
CA GLY A 162 -3.14 -0.63 17.40
C GLY A 162 -3.37 0.85 17.17
N ASP A 163 -2.42 1.68 17.59
CA ASP A 163 -2.47 3.13 17.41
C ASP A 163 -2.55 3.47 15.91
N SER A 164 -3.36 4.46 15.52
CA SER A 164 -3.33 4.97 14.10
C SER A 164 -1.97 5.33 13.62
N ARG A 165 -1.15 5.92 14.51
CA ARG A 165 0.20 6.27 14.15
C ARG A 165 1.00 5.09 13.60
N TYR A 166 0.68 3.89 14.05
CA TYR A 166 1.39 2.72 13.56
C TYR A 166 1.21 2.56 12.02
N PHE A 167 -0.01 2.68 11.52
CA PHE A 167 -0.20 2.51 10.06
C PHE A 167 0.28 3.73 9.31
N LEU A 168 0.29 4.91 9.97
CA LEU A 168 0.82 6.10 9.30
C LEU A 168 2.28 6.00 8.91
N TRP A 169 3.07 5.16 9.62
CA TRP A 169 4.50 5.09 9.35
C TRP A 169 4.98 4.84 7.92
N PRO A 170 4.41 3.80 7.24
CA PRO A 170 4.94 3.64 5.89
C PRO A 170 4.56 4.80 4.98
N LEU A 171 3.50 5.53 5.29
CA LEU A 171 3.04 6.65 4.43
C LEU A 171 3.71 7.95 4.82
N GLN A 172 3.58 8.36 6.06
CA GLN A 172 4.19 9.61 6.50
C GLN A 172 5.66 9.56 6.50
N HIS A 173 6.23 8.51 7.12
CA HIS A 173 7.70 8.41 7.19
C HIS A 173 8.35 7.76 6.02
N GLY A 174 7.93 6.54 5.71
CA GLY A 174 8.62 5.80 4.65
C GLY A 174 8.41 6.43 3.26
N THR A 175 7.35 7.22 3.08
CA THR A 175 7.09 7.76 1.70
C THR A 175 7.31 9.30 1.73
N LEU A 176 6.48 9.98 2.48
CA LEU A 176 6.44 11.50 2.43
C LEU A 176 7.71 12.13 3.00
N HIS A 177 8.10 11.70 4.20
CA HIS A 177 9.38 12.21 4.81
C HIS A 177 10.60 11.83 3.98
N PHE A 178 10.64 10.58 3.54
CA PHE A 178 11.67 10.17 2.65
C PHE A 178 11.83 11.05 1.46
N CYS A 179 10.73 11.53 0.86
CA CYS A 179 10.90 12.38 -0.30
C CYS A 179 11.19 13.84 0.01
N GLY A 180 11.24 14.18 1.26
CA GLY A 180 11.59 15.56 1.62
C GLY A 180 10.48 16.36 2.24
N PHE A 181 9.25 15.88 2.16
CA PHE A 181 8.11 16.59 2.70
C PHE A 181 8.20 16.88 4.16
N LYS A 182 7.70 18.04 4.54
CA LYS A 182 7.28 18.27 5.90
C LYS A 182 5.86 17.81 5.99
N VAL A 183 5.62 17.00 7.00
CA VAL A 183 4.39 16.32 7.13
C VAL A 183 3.57 17.01 8.16
N LEU A 184 2.44 17.54 7.73
CA LEU A 184 1.50 18.09 8.62
C LEU A 184 0.68 17.00 9.34
N ALA A 185 0.18 17.34 10.51
CA ALA A 185 -0.52 16.35 11.30
C ALA A 185 -1.58 15.73 10.40
N PRO A 186 -1.69 14.39 10.42
CA PRO A 186 -2.71 13.79 9.56
C PRO A 186 -4.07 14.28 9.99
N GLN A 187 -5.06 14.30 9.09
CA GLN A 187 -6.45 14.52 9.44
C GLN A 187 -7.15 13.20 9.32
N ILE A 188 -7.59 12.68 10.47
CA ILE A 188 -8.18 11.39 10.49
C ILE A 188 -9.62 11.54 10.90
N SER A 189 -10.51 11.18 10.00
CA SER A 189 -11.97 11.25 10.19
C SER A 189 -12.42 9.80 10.47
N PHE A 190 -12.53 9.46 11.77
CA PHE A 190 -12.79 8.09 12.21
C PHE A 190 -14.22 7.68 11.99
N ALA A 191 -14.42 6.55 11.33
CA ALA A 191 -15.74 5.93 11.13
C ALA A 191 -16.85 6.93 10.83
N PRO A 192 -16.82 7.57 9.65
CA PRO A 192 -17.93 8.44 9.25
C PRO A 192 -19.24 7.69 8.99
N GLU A 193 -19.14 6.42 8.59
CA GLU A 193 -20.32 5.67 8.15
C GLU A 193 -21.23 5.31 9.33
N ILE A 194 -20.65 5.11 10.52
CA ILE A 194 -21.44 4.84 11.73
C ILE A 194 -21.93 6.12 12.46
N ALA A 195 -21.65 7.31 11.90
CA ALA A 195 -21.93 8.56 12.62
C ALA A 195 -23.22 9.25 12.14
N SER A 196 -23.72 10.18 12.95
CA SER A 196 -24.92 10.96 12.61
C SER A 196 -24.79 11.79 11.30
N GLU A 197 -25.93 12.24 10.77
CA GLU A 197 -25.94 13.25 9.70
C GLU A 197 -25.10 14.46 10.10
N GLU A 198 -25.25 14.90 11.35
CA GLU A 198 -24.31 15.79 12.04
C GLU A 198 -23.14 14.91 12.45
N GLU A 199 -22.31 15.27 13.43
CA GLU A 199 -21.05 14.51 13.69
C GLU A 199 -20.21 14.47 12.40
N ARG A 200 -20.85 14.05 11.31
CA ARG A 200 -20.32 14.07 9.97
C ARG A 200 -20.12 15.50 9.45
N LYS A 201 -21.18 16.30 9.50
CA LYS A 201 -21.09 17.74 9.20
C LYS A 201 -20.08 18.40 10.14
N GLY A 202 -20.07 17.96 11.40
CA GLY A 202 -19.06 18.38 12.38
C GLY A 202 -17.67 18.03 11.88
N MET A 203 -17.54 16.87 11.26
CA MET A 203 -16.25 16.42 10.84
C MET A 203 -15.76 17.19 9.59
N VAL A 204 -16.67 17.42 8.66
CA VAL A 204 -16.41 18.18 7.43
C VAL A 204 -16.11 19.60 7.87
N ALA A 205 -16.89 20.10 8.83
CA ALA A 205 -16.79 21.50 9.19
C ALA A 205 -15.47 21.73 9.85
N ALA A 206 -14.97 20.75 10.62
CA ALA A 206 -13.66 20.85 11.25
C ALA A 206 -12.45 20.76 10.30
N TRP A 207 -12.61 19.95 9.25
CA TRP A 207 -11.64 19.95 8.20
C TRP A 207 -11.61 21.36 7.57
N SER A 208 -12.78 21.93 7.22
CA SER A 208 -12.85 23.31 6.68
C SER A 208 -12.19 24.33 7.66
N GLN A 209 -12.56 24.30 8.94
CA GLN A 209 -11.91 25.17 9.94
C GLN A 209 -10.42 24.99 10.01
N ARG A 210 -9.91 23.73 10.11
CA ARG A 210 -8.46 23.55 10.11
C ARG A 210 -7.77 24.20 8.90
N LEU A 211 -8.40 24.02 7.72
CA LEU A 211 -7.87 24.56 6.46
C LEU A 211 -7.73 26.11 6.48
N GLN A 212 -8.59 26.77 7.22
CA GLN A 212 -8.49 28.24 7.48
C GLN A 212 -7.11 28.68 7.91
N THR A 213 -6.49 27.89 8.80
CA THR A 213 -5.19 28.23 9.37
C THR A 213 -4.10 27.24 9.02
N ILE A 214 -4.28 26.53 7.89
CA ILE A 214 -3.32 25.49 7.56
C ILE A 214 -1.87 25.98 7.36
N TRP A 215 -1.71 27.20 6.83
CA TRP A 215 -0.40 27.79 6.54
C TRP A 215 0.30 28.30 7.80
N LYS A 216 -0.40 28.36 8.93
CA LYS A 216 0.26 28.70 10.21
C LYS A 216 0.83 27.44 10.88
N GLU A 217 0.45 26.24 10.39
CA GLU A 217 0.75 25.02 11.18
C GLU A 217 2.19 24.64 11.13
N GLU A 218 2.68 23.98 12.17
CA GLU A 218 4.06 23.49 12.18
C GLU A 218 3.98 22.02 11.78
N PRO A 219 4.96 21.51 11.00
CA PRO A 219 4.98 20.03 10.73
C PRO A 219 5.22 19.18 11.99
N ILE A 220 4.68 17.97 12.00
CA ILE A 220 4.98 17.01 13.07
C ILE A 220 6.47 16.64 13.00
N PRO A 221 7.06 16.21 14.15
CA PRO A 221 8.37 15.64 14.01
C PRO A 221 8.13 14.25 13.51
N CYS A 222 8.64 13.96 12.30
CA CYS A 222 8.31 12.69 11.61
C CYS A 222 9.38 11.65 11.96
N THR A 223 9.27 11.15 13.18
CA THR A 223 10.30 10.27 13.68
C THR A 223 9.67 8.99 14.22
N ALA A 224 10.52 8.01 14.47
CA ALA A 224 10.09 6.77 15.09
C ALA A 224 9.42 7.05 16.44
N HIS A 225 10.03 7.96 17.20
CA HIS A 225 9.45 8.36 18.47
C HIS A 225 8.03 8.90 18.38
N TRP A 226 7.76 9.79 17.41
CA TRP A 226 6.39 10.28 17.23
C TRP A 226 5.43 9.12 16.90
N HIS A 227 5.87 8.15 16.11
CA HIS A 227 4.95 7.11 15.66
C HIS A 227 4.75 5.99 16.70
N PHE A 228 5.79 5.74 17.50
CA PHE A 228 5.78 4.53 18.36
C PHE A 228 6.11 4.79 19.82
N GLY A 229 6.79 5.91 20.10
CA GLY A 229 7.47 6.14 21.37
C GLY A 229 6.60 6.46 22.57
N GLN A 230 7.28 6.63 23.72
CA GLN A 230 6.67 7.13 24.96
C GLN A 230 6.48 8.66 24.86
N ALA B 1 5.06 -33.33 1.91
CA ALA B 1 3.72 -34.04 1.91
C ALA B 1 2.56 -33.20 1.32
N GLY B 2 1.33 -33.44 1.84
CA GLY B 2 -0.02 -33.08 1.27
C GLY B 2 -0.65 -31.71 1.60
N LYS B 3 -0.10 -30.71 0.97
CA LYS B 3 -0.34 -29.32 1.27
C LYS B 3 -0.50 -28.59 -0.06
N LYS B 4 -1.29 -27.53 -0.07
CA LYS B 4 -1.43 -26.72 -1.29
C LYS B 4 -0.90 -25.35 -0.98
N VAL B 5 -0.10 -24.79 -1.89
CA VAL B 5 0.55 -23.50 -1.69
C VAL B 5 0.12 -22.60 -2.85
N LEU B 6 -0.25 -21.34 -2.56
CA LEU B 6 -0.43 -20.28 -3.55
C LEU B 6 0.70 -19.28 -3.31
N ILE B 7 1.39 -18.95 -4.39
CA ILE B 7 2.39 -17.88 -4.33
C ILE B 7 1.83 -16.72 -5.12
N VAL B 8 1.69 -15.57 -4.44
CA VAL B 8 1.19 -14.38 -5.11
C VAL B 8 2.47 -13.54 -5.37
N TYR B 9 2.74 -13.39 -6.67
CA TYR B 9 4.04 -12.93 -7.13
C TYR B 9 3.92 -11.59 -7.89
N ALA B 10 4.69 -10.62 -7.44
CA ALA B 10 4.61 -9.24 -8.01
C ALA B 10 5.96 -8.71 -8.42
N HIS B 11 6.45 -9.19 -9.56
CA HIS B 11 7.60 -8.57 -10.16
C HIS B 11 7.50 -8.65 -11.69
N GLN B 12 8.03 -7.62 -12.36
CA GLN B 12 7.84 -7.44 -13.79
C GLN B 12 8.81 -8.35 -14.54
N GLU B 13 9.89 -8.73 -13.88
CA GLU B 13 11.02 -9.31 -14.63
C GLU B 13 11.38 -10.72 -14.18
N PRO B 14 11.17 -11.67 -15.06
CA PRO B 14 11.37 -13.09 -14.70
C PRO B 14 12.80 -13.33 -14.31
N LYS B 15 13.75 -12.58 -14.87
CA LYS B 15 15.16 -12.82 -14.50
C LYS B 15 15.62 -12.14 -13.25
N SER B 16 14.66 -11.52 -12.51
CA SER B 16 15.02 -10.73 -11.34
C SER B 16 15.30 -11.61 -10.17
N PHE B 17 15.81 -11.01 -9.12
CA PHE B 17 16.04 -11.70 -7.88
C PHE B 17 14.71 -12.18 -7.33
N ASN B 18 13.68 -11.34 -7.35
CA ASN B 18 12.32 -11.83 -6.99
C ASN B 18 11.87 -13.06 -7.78
N GLY B 19 12.17 -13.06 -9.08
CA GLY B 19 11.78 -14.18 -9.94
C GLY B 19 12.55 -15.41 -9.44
N SER B 20 13.83 -15.24 -9.06
CA SER B 20 14.64 -16.40 -8.56
C SER B 20 14.05 -16.98 -7.26
N LEU B 21 13.64 -16.10 -6.37
CA LEU B 21 13.06 -16.50 -5.12
C LEU B 21 11.72 -17.19 -5.37
N LYS B 22 10.92 -16.69 -6.31
CA LYS B 22 9.68 -17.35 -6.61
C LYS B 22 9.98 -18.74 -7.22
N ASN B 23 10.98 -18.81 -8.12
CA ASN B 23 11.24 -20.05 -8.85
C ASN B 23 11.77 -21.10 -7.93
N VAL B 24 12.60 -20.69 -6.98
CA VAL B 24 13.10 -21.68 -6.04
C VAL B 24 12.05 -22.16 -5.12
N ALA B 25 11.07 -21.31 -4.74
CA ALA B 25 9.94 -21.78 -3.94
C ALA B 25 9.14 -22.83 -4.70
N VAL B 26 8.90 -22.57 -5.97
CA VAL B 26 8.13 -23.53 -6.80
C VAL B 26 8.91 -24.85 -6.84
N ASP B 27 10.18 -24.76 -7.11
CA ASP B 27 11.07 -25.99 -7.30
C ASP B 27 11.05 -26.78 -5.99
N GLU B 28 11.29 -26.12 -4.85
CA GLU B 28 11.36 -26.86 -3.60
C GLU B 28 10.02 -27.38 -3.09
N LEU B 29 8.98 -26.56 -3.15
CA LEU B 29 7.66 -27.06 -2.81
C LEU B 29 7.21 -28.18 -3.73
N SER B 30 7.53 -28.07 -5.01
CA SER B 30 7.18 -29.09 -5.99
C SER B 30 7.89 -30.40 -5.61
N ARG B 31 9.19 -30.28 -5.33
CA ARG B 31 10.04 -31.43 -4.96
C ARG B 31 9.44 -32.12 -3.78
N GLN B 32 8.93 -31.36 -2.81
CA GLN B 32 8.31 -31.96 -1.65
C GLN B 32 7.01 -32.70 -1.87
N GLY B 33 6.47 -32.63 -3.06
CA GLY B 33 5.15 -33.19 -3.40
C GLY B 33 3.98 -32.29 -3.08
N CYS B 34 4.24 -31.03 -2.70
CA CYS B 34 3.11 -30.08 -2.52
C CYS B 34 2.48 -29.71 -3.86
N THR B 35 1.21 -29.29 -3.77
CA THR B 35 0.48 -28.69 -4.87
C THR B 35 0.85 -27.19 -4.90
N VAL B 36 1.26 -26.68 -6.07
CA VAL B 36 1.76 -25.29 -6.10
C VAL B 36 1.03 -24.51 -7.18
N THR B 37 0.58 -23.28 -6.88
CA THR B 37 -0.03 -22.41 -7.92
C THR B 37 0.60 -21.05 -7.76
N VAL B 38 0.88 -20.36 -8.87
CA VAL B 38 1.50 -19.01 -8.82
C VAL B 38 0.54 -18.05 -9.51
N SER B 39 0.20 -16.97 -8.82
CA SER B 39 -0.50 -15.84 -9.47
C SER B 39 0.55 -14.76 -9.80
N ASP B 40 0.95 -14.70 -11.07
CA ASP B 40 2.03 -13.81 -11.51
C ASP B 40 1.32 -12.52 -11.93
N LEU B 41 1.22 -11.59 -11.00
CA LEU B 41 0.25 -10.51 -11.20
C LEU B 41 0.56 -9.66 -12.42
N TYR B 42 1.83 -9.29 -12.60
CA TYR B 42 2.09 -8.44 -13.80
C TYR B 42 1.79 -9.21 -15.09
N ALA B 43 2.12 -10.51 -15.12
CA ALA B 43 1.91 -11.26 -16.35
C ALA B 43 0.43 -11.42 -16.64
N MET B 44 -0.36 -11.45 -15.58
CA MET B 44 -1.79 -11.50 -15.68
C MET B 44 -2.48 -10.14 -15.99
N ASN B 45 -1.68 -9.08 -16.03
CA ASN B 45 -2.19 -7.66 -16.16
C ASN B 45 -3.26 -7.46 -15.07
N PHE B 46 -3.01 -8.00 -13.86
CA PHE B 46 -4.02 -8.01 -12.81
C PHE B 46 -4.56 -6.57 -12.47
N GLU B 47 -5.87 -6.45 -12.39
CA GLU B 47 -6.50 -5.12 -12.28
C GLU B 47 -6.35 -4.69 -10.81
N PRO B 48 -5.64 -3.59 -10.55
CA PRO B 48 -5.49 -3.26 -9.08
C PRO B 48 -6.62 -2.32 -8.58
N ARG B 49 -7.38 -1.67 -9.48
CA ARG B 49 -8.29 -0.60 -9.05
C ARG B 49 -9.60 -1.17 -8.52
N ALA B 50 -10.04 -0.65 -7.38
CA ALA B 50 -11.33 -1.01 -6.81
C ALA B 50 -12.43 -0.21 -7.48
N THR B 51 -13.22 -0.78 -8.38
CA THR B 51 -14.14 0.04 -9.12
C THR B 51 -15.50 -0.66 -9.24
N ASP B 52 -16.45 0.09 -9.79
CA ASP B 52 -17.77 -0.51 -10.00
C ASP B 52 -17.82 -1.57 -11.07
N LYS B 53 -16.74 -1.74 -11.83
CA LYS B 53 -16.64 -2.89 -12.74
C LYS B 53 -16.47 -4.24 -12.01
N ASP B 54 -16.23 -4.20 -10.70
CA ASP B 54 -16.03 -5.43 -9.94
C ASP B 54 -17.31 -6.16 -9.56
N ILE B 55 -18.44 -5.48 -9.74
CA ILE B 55 -19.76 -6.05 -9.52
C ILE B 55 -20.45 -6.04 -10.89
N THR B 56 -21.05 -7.16 -11.25
CA THR B 56 -21.76 -7.21 -12.56
C THR B 56 -23.28 -7.20 -12.38
N GLY B 57 -23.79 -7.41 -11.17
CA GLY B 57 -25.27 -7.41 -10.95
C GLY B 57 -25.91 -6.06 -10.62
N THR B 58 -27.21 -6.09 -10.31
CA THR B 58 -27.93 -4.89 -9.86
C THR B 58 -27.24 -4.37 -8.60
N LEU B 59 -26.89 -3.10 -8.62
CA LEU B 59 -26.33 -2.49 -7.45
C LEU B 59 -27.37 -2.34 -6.34
N SER B 60 -26.89 -2.50 -5.12
CA SER B 60 -27.65 -2.41 -3.91
C SER B 60 -28.03 -0.94 -3.67
N ASN B 61 -27.14 -0.01 -3.98
CA ASN B 61 -27.48 1.44 -3.97
C ASN B 61 -26.87 2.12 -5.18
N PRO B 62 -27.61 2.14 -6.29
CA PRO B 62 -27.21 2.66 -7.58
C PRO B 62 -27.03 4.18 -7.53
N GLU B 63 -27.43 4.83 -6.42
CA GLU B 63 -27.34 6.30 -6.37
C GLU B 63 -25.97 6.74 -5.76
N VAL B 64 -25.50 6.00 -4.74
CA VAL B 64 -24.29 6.37 -4.08
C VAL B 64 -23.45 5.07 -3.98
N PHE B 65 -22.42 4.98 -4.81
CA PHE B 65 -21.57 3.79 -4.82
C PHE B 65 -20.67 3.67 -3.57
N ASN B 66 -20.75 2.51 -2.90
CA ASN B 66 -19.92 2.20 -1.75
C ASN B 66 -19.23 0.86 -2.05
N TYR B 67 -17.89 0.89 -2.23
CA TYR B 67 -17.23 -0.26 -2.80
C TYR B 67 -17.37 -1.44 -1.84
N GLY B 68 -17.27 -1.19 -0.54
CA GLY B 68 -17.34 -2.30 0.45
C GLY B 68 -18.73 -2.93 0.49
N VAL B 69 -19.77 -2.10 0.52
CA VAL B 69 -21.15 -2.65 0.54
C VAL B 69 -21.43 -3.47 -0.73
N GLU B 70 -21.08 -2.93 -1.90
CA GLU B 70 -21.44 -3.53 -3.19
C GLU B 70 -20.68 -4.85 -3.43
N THR B 71 -19.40 -4.89 -3.05
CA THR B 71 -18.65 -6.16 -3.17
C THR B 71 -19.10 -7.22 -2.16
N HIS B 72 -19.49 -6.80 -0.96
CA HIS B 72 -19.95 -7.77 0.04
C HIS B 72 -21.19 -8.44 -0.52
N GLU B 73 -22.09 -7.62 -1.01
CA GLU B 73 -23.37 -8.15 -1.55
C GLU B 73 -23.12 -9.00 -2.81
N ALA B 74 -22.24 -8.51 -3.68
CA ALA B 74 -21.87 -9.25 -4.92
C ALA B 74 -21.25 -10.61 -4.61
N TYR B 75 -20.48 -10.69 -3.52
CA TYR B 75 -19.81 -11.96 -3.16
C TYR B 75 -20.90 -12.94 -2.74
N LYS B 76 -21.86 -12.45 -1.98
CA LYS B 76 -22.95 -13.31 -1.47
C LYS B 76 -23.85 -13.75 -2.61
N GLN B 77 -24.04 -12.88 -3.59
CA GLN B 77 -24.94 -13.20 -4.75
C GLN B 77 -24.25 -13.90 -5.89
N ARG B 78 -22.93 -13.99 -5.81
CA ARG B 78 -22.04 -14.48 -6.90
C ARG B 78 -22.05 -13.60 -8.14
N SER B 79 -21.92 -12.31 -7.92
CA SER B 79 -21.92 -11.39 -9.03
C SER B 79 -20.64 -10.56 -9.02
N LEU B 80 -19.59 -11.00 -8.31
CA LEU B 80 -18.29 -10.29 -8.47
C LEU B 80 -17.68 -10.61 -9.81
N ALA B 81 -16.82 -9.73 -10.29
CA ALA B 81 -16.03 -10.02 -11.48
C ALA B 81 -15.19 -11.30 -11.36
N SER B 82 -15.03 -12.01 -12.47
CA SER B 82 -14.41 -13.33 -12.38
C SER B 82 -12.91 -13.34 -12.04
N ASP B 83 -12.22 -12.25 -12.30
CA ASP B 83 -10.81 -12.24 -11.88
C ASP B 83 -10.70 -12.34 -10.38
N ILE B 84 -11.62 -11.70 -9.68
CA ILE B 84 -11.66 -11.76 -8.23
C ILE B 84 -12.00 -13.17 -7.79
N THR B 85 -13.06 -13.76 -8.34
CA THR B 85 -13.42 -15.11 -7.87
C THR B 85 -12.34 -16.14 -8.26
N ASP B 86 -11.67 -16.01 -9.40
CA ASP B 86 -10.52 -16.85 -9.69
C ASP B 86 -9.45 -16.81 -8.59
N GLU B 87 -9.16 -15.61 -8.04
CA GLU B 87 -8.10 -15.58 -6.98
C GLU B 87 -8.65 -16.17 -5.68
N GLN B 88 -9.92 -15.95 -5.44
CA GLN B 88 -10.57 -16.42 -4.24
C GLN B 88 -10.57 -17.95 -4.18
N LYS B 89 -10.81 -18.59 -5.33
CA LYS B 89 -10.73 -20.08 -5.38
C LYS B 89 -9.31 -20.54 -5.01
N LYS B 90 -8.28 -19.86 -5.53
CA LYS B 90 -6.89 -20.22 -5.18
C LYS B 90 -6.60 -20.09 -3.71
N VAL B 91 -7.01 -18.97 -3.12
CA VAL B 91 -6.82 -18.73 -1.67
C VAL B 91 -7.57 -19.78 -0.84
N ARG B 92 -8.81 -20.04 -1.24
CA ARG B 92 -9.72 -20.98 -0.53
C ARG B 92 -9.07 -22.37 -0.45
N GLU B 93 -8.44 -22.77 -1.54
CA GLU B 93 -7.83 -24.11 -1.63
C GLU B 93 -6.48 -24.21 -0.93
N ALA B 94 -5.82 -23.07 -0.78
CA ALA B 94 -4.43 -23.06 -0.36
C ALA B 94 -4.36 -23.29 1.13
N ASP B 95 -3.31 -23.97 1.56
CA ASP B 95 -3.00 -24.11 3.01
C ASP B 95 -2.05 -23.04 3.44
N LEU B 96 -1.22 -22.59 2.51
CA LEU B 96 -0.22 -21.56 2.77
C LEU B 96 -0.24 -20.60 1.58
N VAL B 97 -0.22 -19.29 1.90
CA VAL B 97 -0.12 -18.27 0.85
C VAL B 97 1.16 -17.52 1.09
N ILE B 98 2.02 -17.56 0.09
CA ILE B 98 3.33 -16.88 0.16
C ILE B 98 3.16 -15.66 -0.76
N PHE B 99 3.62 -14.49 -0.27
CA PHE B 99 3.64 -13.27 -1.08
C PHE B 99 5.02 -12.95 -1.40
N GLN B 100 5.30 -12.84 -2.70
CA GLN B 100 6.72 -12.63 -3.12
C GLN B 100 6.78 -11.28 -3.83
N PHE B 101 7.48 -10.30 -3.25
CA PHE B 101 7.47 -8.98 -3.85
C PHE B 101 8.68 -8.14 -3.36
N PRO B 102 9.04 -7.15 -4.20
CA PRO B 102 9.98 -6.08 -3.69
C PRO B 102 9.24 -5.00 -2.90
N LEU B 103 9.86 -4.50 -1.84
CA LEU B 103 9.20 -3.51 -0.99
C LEU B 103 9.13 -2.24 -1.86
N TYR B 104 7.92 -1.71 -2.03
CA TYR B 104 7.73 -0.40 -2.65
C TYR B 104 7.15 0.56 -1.65
N TRP B 105 7.89 1.64 -1.34
CA TRP B 105 7.40 2.55 -0.32
C TRP B 105 6.95 1.90 0.98
N PHE B 106 7.87 1.09 1.52
CA PHE B 106 7.63 0.42 2.83
C PHE B 106 6.36 -0.46 2.80
N SER B 107 5.98 -0.92 1.60
CA SER B 107 4.73 -1.69 1.44
C SER B 107 4.83 -2.58 0.19
N VAL B 108 3.69 -3.10 -0.23
CA VAL B 108 3.59 -3.90 -1.43
C VAL B 108 3.48 -2.98 -2.69
N PRO B 109 3.95 -3.45 -3.83
CA PRO B 109 3.67 -2.73 -5.08
C PRO B 109 2.20 -2.58 -5.27
N ALA B 110 1.75 -1.49 -5.86
CA ALA B 110 0.34 -1.26 -6.06
C ALA B 110 -0.43 -2.44 -6.71
N ILE B 111 0.21 -3.19 -7.63
CA ILE B 111 -0.56 -4.28 -8.26
C ILE B 111 -0.96 -5.37 -7.23
N LEU B 112 -0.07 -5.59 -6.30
CA LEU B 112 -0.35 -6.51 -5.18
C LEU B 112 -1.29 -5.87 -4.15
N LYS B 113 -1.16 -4.56 -3.91
CA LYS B 113 -2.09 -3.88 -3.00
C LYS B 113 -3.50 -4.04 -3.55
N GLY B 114 -3.61 -4.02 -4.87
CA GLY B 114 -4.89 -4.17 -5.54
C GLY B 114 -5.46 -5.59 -5.40
N TRP B 115 -4.59 -6.58 -5.43
CA TRP B 115 -4.97 -7.92 -5.10
C TRP B 115 -5.55 -7.99 -3.71
N MET B 116 -4.87 -7.39 -2.69
CA MET B 116 -5.43 -7.45 -1.37
C MET B 116 -6.77 -6.72 -1.32
N ASP B 117 -6.84 -5.52 -1.92
CA ASP B 117 -8.08 -4.72 -1.83
C ASP B 117 -9.30 -5.42 -2.44
N ARG B 118 -9.07 -6.07 -3.59
CA ARG B 118 -10.18 -6.62 -4.37
C ARG B 118 -10.48 -8.09 -4.00
N VAL B 119 -9.46 -8.88 -3.68
CA VAL B 119 -9.71 -10.31 -3.49
C VAL B 119 -10.21 -10.58 -2.10
N LEU B 120 -9.69 -9.82 -1.13
CA LEU B 120 -10.01 -10.10 0.29
C LEU B 120 -11.27 -9.35 0.69
N CYS B 121 -12.40 -9.67 0.08
CA CYS B 121 -13.60 -8.90 0.33
C CYS B 121 -14.43 -9.37 1.56
N GLN B 122 -15.40 -8.54 2.01
CA GLN B 122 -16.23 -8.98 3.10
C GLN B 122 -17.06 -10.15 2.63
N GLY B 123 -17.26 -11.14 3.48
CA GLY B 123 -17.99 -12.34 3.08
C GLY B 123 -17.04 -13.47 2.76
N PHE B 124 -15.89 -13.12 2.20
CA PHE B 124 -14.95 -14.18 1.76
C PHE B 124 -13.83 -14.26 2.78
N ALA B 125 -13.19 -13.12 3.01
CA ALA B 125 -12.00 -13.13 3.87
C ALA B 125 -12.26 -12.75 5.33
N PHE B 126 -13.29 -11.95 5.56
CA PHE B 126 -13.67 -11.53 6.90
C PHE B 126 -15.11 -11.18 6.89
N ASP B 127 -15.69 -11.10 8.09
CA ASP B 127 -17.02 -10.53 8.19
C ASP B 127 -17.03 -9.70 9.44
N ILE B 128 -18.14 -9.00 9.65
CA ILE B 128 -18.25 -8.13 10.81
C ILE B 128 -19.49 -8.62 11.57
N PRO B 129 -19.29 -9.34 12.72
CA PRO B 129 -18.00 -9.80 13.28
C PRO B 129 -17.53 -11.03 12.53
N GLY B 130 -16.31 -11.48 12.82
CA GLY B 130 -15.61 -12.48 12.01
C GLY B 130 -14.28 -11.93 11.44
N PHE B 131 -13.41 -11.43 12.31
CA PHE B 131 -12.13 -10.87 11.86
C PHE B 131 -11.08 -11.08 12.96
N TYR B 132 -9.82 -10.72 12.69
CA TYR B 132 -8.66 -11.12 13.51
C TYR B 132 -8.74 -12.63 13.79
N ASP B 133 -8.74 -13.09 15.04
CA ASP B 133 -8.69 -14.51 15.29
C ASP B 133 -9.93 -15.26 14.80
N SER B 134 -11.02 -14.53 14.57
CA SER B 134 -12.22 -15.14 14.01
C SER B 134 -12.37 -14.83 12.51
N GLY B 135 -11.30 -14.33 11.88
CA GLY B 135 -11.39 -14.03 10.43
C GLY B 135 -11.71 -15.29 9.61
N LEU B 136 -12.26 -15.14 8.39
CA LEU B 136 -12.80 -16.30 7.65
C LEU B 136 -11.70 -17.24 7.07
N LEU B 137 -10.45 -16.76 7.01
CA LEU B 137 -9.35 -17.56 6.47
C LEU B 137 -8.61 -18.21 7.61
N GLN B 138 -9.28 -18.32 8.76
CA GLN B 138 -8.63 -19.10 9.83
C GLN B 138 -8.22 -20.52 9.41
N GLY B 139 -7.15 -21.03 9.98
CA GLY B 139 -6.64 -22.36 9.53
C GLY B 139 -5.55 -22.24 8.47
N LYS B 140 -5.49 -21.10 7.76
CA LYS B 140 -4.47 -20.93 6.74
C LYS B 140 -3.29 -20.16 7.25
N LEU B 141 -2.16 -20.37 6.58
CA LEU B 141 -0.91 -19.72 6.88
C LEU B 141 -0.62 -18.67 5.79
N ALA B 142 0.10 -17.60 6.15
CA ALA B 142 0.58 -16.63 5.18
C ALA B 142 1.99 -16.26 5.55
N LEU B 143 2.77 -15.86 4.57
CA LEU B 143 4.21 -15.58 4.74
C LEU B 143 4.55 -14.47 3.78
N LEU B 144 5.14 -13.36 4.24
CA LEU B 144 5.70 -12.39 3.32
C LEU B 144 7.18 -12.63 3.00
N SER B 145 7.49 -12.75 1.72
CA SER B 145 8.86 -12.90 1.28
C SER B 145 9.21 -11.64 0.45
N VAL B 146 9.98 -10.75 1.10
CA VAL B 146 10.09 -9.36 0.70
C VAL B 146 11.55 -9.13 0.32
N THR B 147 11.78 -8.36 -0.73
CA THR B 147 13.17 -7.92 -1.02
C THR B 147 13.27 -6.41 -0.72
N THR B 148 14.42 -5.92 -0.29
CA THR B 148 14.52 -4.47 -0.15
C THR B 148 15.68 -3.81 -0.92
N GLY B 149 15.58 -2.48 -1.08
CA GLY B 149 16.75 -1.74 -1.57
C GLY B 149 17.67 -1.36 -0.42
N GLY B 150 17.09 -1.03 0.73
CA GLY B 150 17.82 -0.74 1.99
C GLY B 150 18.48 -1.95 2.67
N THR B 151 19.51 -1.68 3.49
CA THR B 151 20.28 -2.77 4.10
C THR B 151 19.64 -3.18 5.42
N ALA B 152 20.01 -4.35 5.91
CA ALA B 152 19.50 -4.79 7.20
C ALA B 152 19.77 -3.73 8.26
N GLU B 153 20.93 -3.09 8.16
CA GLU B 153 21.35 -2.12 9.16
C GLU B 153 20.48 -0.85 9.13
N MET B 154 20.10 -0.42 7.92
CA MET B 154 19.15 0.69 7.80
C MET B 154 17.83 0.31 8.41
N TYR B 155 17.47 -0.98 8.31
CA TYR B 155 16.20 -1.47 8.93
C TYR B 155 16.34 -2.02 10.34
N THR B 156 16.98 -1.23 11.22
CA THR B 156 17.07 -1.50 12.66
C THR B 156 16.41 -0.35 13.41
N LYS B 157 16.06 -0.59 14.68
CA LYS B 157 15.38 0.42 15.54
C LYS B 157 16.11 1.77 15.51
N THR B 158 17.44 1.76 15.54
CA THR B 158 18.19 3.01 15.57
C THR B 158 18.58 3.45 14.16
N GLY B 159 18.26 2.62 13.17
CA GLY B 159 18.63 2.92 11.78
C GLY B 159 17.67 3.95 11.23
N VAL B 160 17.90 4.36 10.00
CA VAL B 160 17.12 5.48 9.40
C VAL B 160 15.69 5.14 9.06
N ASN B 161 15.56 3.91 8.56
CA ASN B 161 14.28 3.38 8.18
C ASN B 161 13.49 2.84 9.38
N GLY B 162 14.11 2.78 10.57
CA GLY B 162 13.38 2.13 11.69
C GLY B 162 13.46 0.62 11.49
N ASP B 163 12.98 -0.15 12.46
CA ASP B 163 13.07 -1.61 12.34
C ASP B 163 12.25 -2.16 11.17
N SER B 164 12.74 -3.23 10.51
CA SER B 164 11.94 -3.90 9.46
C SER B 164 10.53 -4.24 9.94
N ARG B 165 10.36 -4.65 11.20
CA ARG B 165 9.01 -5.10 11.65
C ARG B 165 7.98 -3.96 11.62
N TYR B 166 8.47 -2.72 11.65
CA TYR B 166 7.55 -1.62 11.71
C TYR B 166 6.66 -1.59 10.44
N PHE B 167 7.30 -1.77 9.31
CA PHE B 167 6.60 -1.70 8.02
C PHE B 167 5.81 -2.96 7.78
N LEU B 168 6.14 -4.01 8.52
CA LEU B 168 5.31 -5.25 8.39
C LEU B 168 3.92 -5.09 8.97
N TRP B 169 3.70 -4.16 9.92
CA TRP B 169 2.44 -4.11 10.62
C TRP B 169 1.09 -4.05 9.76
N PRO B 170 0.99 -3.13 8.79
CA PRO B 170 -0.28 -3.00 8.06
C PRO B 170 -0.53 -4.28 7.24
N LEU B 171 0.57 -4.95 6.86
CA LEU B 171 0.45 -6.21 6.05
C LEU B 171 0.17 -7.47 6.88
N GLN B 172 0.98 -7.71 7.87
CA GLN B 172 0.80 -8.89 8.69
C GLN B 172 -0.39 -8.75 9.60
N HIS B 173 -0.53 -7.63 10.29
CA HIS B 173 -1.57 -7.46 11.25
C HIS B 173 -2.85 -6.95 10.64
N GLY B 174 -2.74 -5.79 9.97
CA GLY B 174 -3.94 -5.06 9.47
C GLY B 174 -4.63 -5.86 8.36
N THR B 175 -3.82 -6.66 7.63
CA THR B 175 -4.44 -7.42 6.50
C THR B 175 -4.55 -8.94 6.75
N LEU B 176 -3.42 -9.63 6.90
CA LEU B 176 -3.45 -11.08 7.00
C LEU B 176 -4.06 -11.60 8.34
N HIS B 177 -3.62 -11.06 9.48
CA HIS B 177 -4.21 -11.49 10.74
C HIS B 177 -5.70 -11.10 10.77
N PHE B 178 -6.06 -9.90 10.29
CA PHE B 178 -7.41 -9.49 10.20
C PHE B 178 -8.31 -10.51 9.50
N CYS B 179 -7.80 -11.08 8.40
CA CYS B 179 -8.59 -12.08 7.67
C CYS B 179 -8.50 -13.45 8.32
N GLY B 180 -7.79 -13.54 9.44
CA GLY B 180 -7.74 -14.88 10.12
C GLY B 180 -6.54 -15.74 9.87
N PHE B 181 -5.65 -15.30 9.00
CA PHE B 181 -4.41 -16.03 8.75
C PHE B 181 -3.54 -16.08 9.99
N LYS B 182 -2.87 -17.22 10.17
CA LYS B 182 -1.72 -17.24 11.03
C LYS B 182 -0.55 -16.86 10.16
N VAL B 183 0.35 -16.06 10.71
CA VAL B 183 1.43 -15.48 9.97
C VAL B 183 2.77 -16.11 10.34
N LEU B 184 3.41 -16.70 9.35
CA LEU B 184 4.77 -17.20 9.50
C LEU B 184 5.74 -16.05 9.44
N ALA B 185 6.94 -16.24 10.00
CA ALA B 185 7.93 -15.19 10.09
C ALA B 185 8.32 -14.74 8.68
N PRO B 186 8.48 -13.44 8.46
CA PRO B 186 8.78 -12.93 7.17
C PRO B 186 10.17 -13.43 6.64
N GLN B 187 10.25 -13.63 5.35
CA GLN B 187 11.54 -13.83 4.72
C GLN B 187 11.94 -12.49 4.18
N ILE B 188 12.96 -11.84 4.77
CA ILE B 188 13.38 -10.57 4.16
C ILE B 188 14.77 -10.69 3.56
N SER B 189 14.89 -10.48 2.25
CA SER B 189 16.13 -10.58 1.52
C SER B 189 16.69 -9.16 1.26
N PHE B 190 17.59 -8.74 2.15
CA PHE B 190 18.09 -7.35 2.16
C PHE B 190 19.05 -7.03 0.98
N ALA B 191 18.77 -5.89 0.34
CA ALA B 191 19.66 -5.26 -0.65
C ALA B 191 20.30 -6.22 -1.61
N PRO B 192 19.49 -7.02 -2.33
CA PRO B 192 20.16 -7.91 -3.30
C PRO B 192 21.01 -7.19 -4.35
N GLU B 193 20.61 -5.98 -4.77
CA GLU B 193 21.37 -5.20 -5.74
C GLU B 193 22.78 -4.78 -5.22
N ILE B 194 22.92 -4.58 -3.92
CA ILE B 194 24.21 -4.19 -3.32
C ILE B 194 25.10 -5.40 -2.97
N ALA B 195 24.47 -6.52 -2.60
CA ALA B 195 25.15 -7.79 -2.36
C ALA B 195 25.99 -8.26 -3.54
N SER B 196 27.00 -9.08 -3.25
CA SER B 196 27.79 -9.74 -4.30
C SER B 196 26.94 -10.82 -4.97
N GLU B 197 27.39 -11.27 -6.15
CA GLU B 197 26.69 -12.35 -6.85
C GLU B 197 26.57 -13.63 -6.01
N GLU B 198 27.54 -13.87 -5.13
CA GLU B 198 27.53 -15.05 -4.29
C GLU B 198 26.66 -14.85 -3.06
N GLU B 199 26.59 -13.62 -2.59
CA GLU B 199 25.74 -13.28 -1.46
C GLU B 199 24.26 -13.40 -1.89
N ARG B 200 24.01 -13.16 -3.17
CA ARG B 200 22.71 -13.38 -3.78
C ARG B 200 22.31 -14.86 -3.84
N LYS B 201 23.15 -15.67 -4.52
CA LYS B 201 22.98 -17.13 -4.54
C LYS B 201 22.74 -17.68 -3.15
N GLY B 202 23.47 -17.14 -2.19
CA GLY B 202 23.30 -17.51 -0.79
C GLY B 202 21.93 -17.14 -0.24
N MET B 203 21.42 -15.96 -0.63
CA MET B 203 20.11 -15.60 -0.11
C MET B 203 19.01 -16.49 -0.76
N VAL B 204 19.14 -16.80 -2.05
CA VAL B 204 18.24 -17.73 -2.76
C VAL B 204 18.34 -19.15 -2.13
N ALA B 205 19.55 -19.63 -1.87
CA ALA B 205 19.70 -20.94 -1.16
C ALA B 205 19.09 -20.97 0.22
N ALA B 206 19.23 -19.86 0.97
CA ALA B 206 18.76 -19.74 2.34
C ALA B 206 17.20 -19.85 2.36
N TRP B 207 16.58 -19.28 1.35
CA TRP B 207 15.10 -19.38 1.17
C TRP B 207 14.69 -20.81 0.86
N SER B 208 15.33 -21.39 -0.15
CA SER B 208 15.13 -22.81 -0.46
C SER B 208 15.29 -23.67 0.81
N GLN B 209 16.38 -23.46 1.58
CA GLN B 209 16.62 -24.27 2.76
C GLN B 209 15.56 -24.08 3.83
N ARG B 210 15.10 -22.83 4.02
CA ARG B 210 14.00 -22.63 4.93
C ARG B 210 12.76 -23.41 4.47
N LEU B 211 12.46 -23.42 3.17
CA LEU B 211 11.25 -24.01 2.66
C LEU B 211 11.21 -25.51 2.94
N GLN B 212 12.40 -26.11 3.04
CA GLN B 212 12.48 -27.55 3.38
C GLN B 212 11.74 -27.93 4.64
N THR B 213 11.73 -27.02 5.63
CA THR B 213 11.09 -27.30 6.92
C THR B 213 9.98 -26.35 7.28
N ILE B 214 9.42 -25.69 6.26
CA ILE B 214 8.38 -24.70 6.52
C ILE B 214 7.16 -25.28 7.21
N TRP B 215 6.92 -26.60 7.09
CA TRP B 215 5.68 -27.16 7.64
C TRP B 215 5.90 -27.47 9.12
N LYS B 216 7.13 -27.31 9.56
CA LYS B 216 7.49 -27.53 10.98
C LYS B 216 7.41 -26.22 11.75
N GLU B 217 7.23 -25.09 11.06
CA GLU B 217 7.30 -23.75 11.75
C GLU B 217 6.03 -23.42 12.45
N GLU B 218 6.15 -22.66 13.55
CA GLU B 218 5.03 -22.10 14.24
C GLU B 218 4.90 -20.67 13.72
N PRO B 219 3.70 -20.17 13.72
CA PRO B 219 3.59 -18.75 13.34
C PRO B 219 4.12 -17.77 14.45
N ILE B 220 4.34 -16.52 14.07
CA ILE B 220 4.58 -15.44 15.03
C ILE B 220 3.35 -15.04 15.83
N PRO B 221 3.55 -14.43 17.02
CA PRO B 221 2.44 -13.86 17.63
C PRO B 221 2.28 -12.49 16.98
N CYS B 222 1.19 -12.34 16.24
CA CYS B 222 1.07 -11.17 15.38
C CYS B 222 0.42 -10.07 16.21
N THR B 223 1.24 -9.53 17.11
CA THR B 223 0.75 -8.56 18.10
C THR B 223 1.52 -7.24 17.92
N ALA B 224 0.98 -6.17 18.52
CA ALA B 224 1.74 -4.93 18.74
C ALA B 224 3.08 -5.14 19.44
N HIS B 225 3.15 -5.92 20.53
CA HIS B 225 4.47 -6.23 21.10
C HIS B 225 5.47 -6.81 20.11
N TRP B 226 5.07 -7.77 19.28
CA TRP B 226 6.04 -8.40 18.43
C TRP B 226 6.59 -7.36 17.45
N HIS B 227 5.70 -6.51 16.97
CA HIS B 227 6.11 -5.56 15.92
C HIS B 227 6.87 -4.34 16.43
N PHE B 228 6.56 -3.94 17.66
CA PHE B 228 7.03 -2.63 18.17
C PHE B 228 7.86 -2.70 19.45
N GLY B 229 7.68 -3.77 20.22
CA GLY B 229 8.47 -4.00 21.45
C GLY B 229 7.93 -3.23 22.63
N GLN B 230 8.80 -2.96 23.62
CA GLN B 230 8.53 -2.10 24.82
C GLN B 230 7.80 -2.76 26.02
ZN ZN C . 9.76 10.67 9.26
PA FAD D . -19.29 7.23 3.13
O1A FAD D . -20.10 5.95 3.17
O2A FAD D . -19.50 7.99 1.82
O5B FAD D . -19.64 8.19 4.40
C5B FAD D . -20.71 7.95 5.31
C4B FAD D . -21.94 8.76 4.89
O4B FAD D . -21.65 10.15 4.74
C3B FAD D . -22.53 8.33 3.55
O3B FAD D . -23.89 8.01 3.80
C2B FAD D . -22.30 9.54 2.63
O2B FAD D . -23.21 9.61 1.54
C1B FAD D . -22.39 10.68 3.66
N9A FAD D . -21.88 12.04 3.35
C8A FAD D . -21.25 12.49 2.21
N7A FAD D . -20.96 13.80 2.40
C5A FAD D . -21.39 14.20 3.62
C6A FAD D . -21.36 15.43 4.31
N6A FAD D . -21.07 16.57 3.68
N1A FAD D . -21.90 15.52 5.58
C2A FAD D . -22.48 14.41 6.17
N3A FAD D . -22.50 13.22 5.48
C4A FAD D . -21.97 13.10 4.22
N1 FAD D . -11.34 0.68 7.34
C2 FAD D . -10.40 0.66 8.34
O2 FAD D . -10.59 1.25 9.40
N3 FAD D . -9.23 -0.05 8.22
C4 FAD D . -8.90 -0.68 7.05
O4 FAD D . -7.87 -1.28 6.96
C4X FAD D . -9.83 -0.69 6.02
N5 FAD D . -9.57 -1.48 4.91
C5X FAD D . -10.51 -1.40 3.94
C6 FAD D . -10.18 -2.07 2.76
C7 FAD D . -11.09 -2.02 1.77
C7M FAD D . -10.56 -2.86 0.64
C8 FAD D . -12.34 -1.33 1.84
C8M FAD D . -13.40 -1.26 0.75
C9 FAD D . -12.62 -0.61 2.98
C9A FAD D . -11.70 -0.66 4.03
N10 FAD D . -11.97 0.05 5.18
C10 FAD D . -11.04 -0.01 6.18
C1' FAD D . -13.25 0.83 5.31
C2' FAD D . -13.02 2.29 4.75
O2' FAD D . -11.84 2.89 5.21
C3' FAD D . -14.25 3.14 5.10
O3' FAD D . -15.37 2.38 4.64
C4' FAD D . -14.21 4.51 4.40
O4' FAD D . -13.16 5.16 5.08
C5' FAD D . -15.44 5.36 4.70
O5' FAD D . -15.34 6.62 4.03
P FAD D . -16.30 6.91 2.72
O1P FAD D . -16.02 5.74 1.71
O2P FAD D . -16.09 8.22 2.07
O3P FAD D . -17.74 6.81 3.50
C1 HGZ E . 13.07 3.84 -1.63
C2 HGZ E . 13.83 3.46 -0.53
C3 HGZ E . 15.11 2.71 -0.73
C4 HGZ E . 15.59 2.34 -2.06
C5 HGZ E . 14.75 2.74 -3.20
C6 HGZ E . 13.49 3.49 -2.91
C7 HGZ E . 13.40 3.79 0.85
C8 HGZ E . 14.26 3.35 1.88
C9 HGZ E . 15.46 2.64 1.58
N10 HGZ E . 15.84 2.35 0.32
O11 HGZ E . 16.22 2.26 2.49
C12 HGZ E . 12.10 4.55 1.13
O13 HGZ E . 16.75 1.63 -2.23
C14 HGZ E . 18.04 2.23 -2.05
O15 HGZ E . 15.14 2.43 -4.50
C16 HGZ E . 15.80 1.23 -4.94
O17 HGZ E . 12.68 3.90 -3.91
C18 HGZ E . 11.54 4.65 -3.50
ZN ZN F . -1.64 -9.45 14.27
PA FAD G . 17.30 -7.43 -8.78
O1A FAD G . 16.65 -8.19 -9.93
O2A FAD G . 17.93 -6.12 -9.25
O5B FAD G . 18.37 -8.39 -8.08
C5B FAD G . 19.74 -8.03 -7.91
C4B FAD G . 20.59 -8.87 -8.88
O4B FAD G . 20.48 -10.26 -8.61
C3B FAD G . 20.20 -8.71 -10.36
O3B FAD G . 21.38 -8.56 -11.12
C2B FAD G . 19.48 -10.01 -10.69
O2B FAD G . 19.46 -10.31 -12.06
C1B FAD G . 20.33 -10.94 -9.84
N9A FAD G . 19.80 -12.29 -9.65
C8A FAD G . 18.59 -12.79 -10.05
N7A FAD G . 18.54 -14.09 -9.67
C5A FAD G . 19.69 -14.43 -9.04
C6A FAD G . 20.16 -15.63 -8.48
N6A FAD G . 19.63 -16.81 -8.83
N1A FAD G . 21.41 -15.64 -7.90
C2A FAD G . 22.21 -14.51 -7.91
N3A FAD G . 21.74 -13.33 -8.46
C4A FAD G . 20.49 -13.30 -9.02
N1 FAD G . 13.52 -0.39 -1.13
C2 FAD G . 13.38 -0.22 0.24
O2 FAD G . 14.21 -0.71 0.97
N3 FAD G . 12.34 0.49 0.80
C4 FAD G . 11.38 1.00 -0.07
O4 FAD G . 10.46 1.63 0.43
C4X FAD G . 11.53 0.90 -1.45
N5 FAD G . 10.61 1.51 -2.30
C5X FAD G . 10.69 1.33 -3.64
C6 FAD G . 9.72 1.94 -4.41
C7 FAD G . 9.85 1.78 -5.77
C7M FAD G . 8.69 2.43 -6.47
C8 FAD G . 10.91 1.04 -6.40
C8M FAD G . 11.12 0.75 -7.89
C9 FAD G . 11.86 0.45 -5.61
C9A FAD G . 11.75 0.62 -4.23
N10 FAD G . 12.69 0.03 -3.37
C10 FAD G . 12.58 0.16 -1.99
C1' FAD G . 13.80 -0.75 -3.97
C2' FAD G . 13.31 -2.21 -4.22
O2' FAD G . 12.71 -2.73 -3.03
C3' FAD G . 14.53 -3.05 -4.64
O3' FAD G . 15.10 -2.51 -5.84
C4' FAD G . 14.11 -4.50 -4.86
O4' FAD G . 13.80 -4.98 -3.60
C5' FAD G . 15.26 -5.36 -5.35
O5' FAD G . 14.71 -6.62 -5.75
P FAD G . 14.72 -7.07 -7.32
O1P FAD G . 14.21 -8.40 -7.65
O2P FAD G . 14.03 -5.96 -8.16
O3P FAD G . 16.34 -7.19 -7.49
C1 HGZ H . -11.13 -3.55 7.13
C2 HGZ H . -11.04 -3.02 8.42
C3 HGZ H . -12.16 -2.23 9.01
C4 HGZ H . -13.36 -1.97 8.22
C5 HGZ H . -13.42 -2.54 6.87
C6 HGZ H . -12.28 -3.33 6.38
C7 HGZ H . -9.86 -3.21 9.27
C8 HGZ H . -9.89 -2.63 10.54
C9 HGZ H . -10.99 -1.89 11.00
N10 HGZ H . -12.10 -1.72 10.26
O11 HGZ H . -10.95 -1.41 12.16
C12 HGZ H . -8.66 -3.98 8.80
O13 HGZ H . -14.38 -1.21 8.75
C14 HGZ H . -15.58 -1.87 9.20
O15 HGZ H . -14.51 -2.34 6.10
C16 HGZ H . -15.55 -3.30 6.05
O17 HGZ H . -12.40 -3.81 5.11
C18 HGZ H . -11.36 -4.62 4.55
#